data_3OCX
#
_entry.id   3OCX
#
_cell.length_a   97.870
_cell.length_b   97.870
_cell.length_c   107.598
_cell.angle_alpha   90.000
_cell.angle_beta   90.000
_cell.angle_gamma   120.000
#
_symmetry.space_group_name_H-M   'P 65 2 2'
#
loop_
_entity.id
_entity.type
_entity.pdbx_description
1 polymer 'Lipoprotein E'
2 non-polymer "ADENOSINE-2'-MONOPHOSPHATE"
3 non-polymer 'MAGNESIUM ION'
4 water water
#
_entity_poly.entity_id   1
_entity_poly.type   'polypeptide(L)'
_entity_poly.pdbx_seq_one_letter_code
;MGSHQMKSEEHANMQLQQQAVLGLNWMQDSGEYKALAYQAYNAAKVAFDHAKVAKGKKKAVVADLNETMLDNSPYAGWQV
QNNKPFDGKDWTRWVDARQSRAVPGAVEFNNYVNSHNGKVFYVTNRKDSTEKSGTIDDMKRLGFNGVEESAFYLKKDKSA
KAARFAEIEKQGYEIVLYVGDNLDDFGNTVYGKLNADRRAFVDQNQGKFGKTFIMLPNANYGGWEGGLAEGYFKKDTQGQ
IKARLDAVQAWDGKLEHHHHHH
;
_entity_poly.pdbx_strand_id   A
#
loop_
_chem_comp.id
_chem_comp.type
_chem_comp.name
_chem_comp.formula
2AM non-polymer ADENOSINE-2'-MONOPHOSPHATE 'C10 H14 N5 O7 P'
MG non-polymer 'MAGNESIUM ION' 'Mg 2'
#
# COMPACT_ATOMS: atom_id res chain seq x y z
N GLU A 10 -4.56 9.33 -27.50
CA GLU A 10 -3.46 8.39 -27.37
C GLU A 10 -2.16 9.11 -27.03
N HIS A 11 -2.04 10.36 -27.47
CA HIS A 11 -0.88 11.18 -27.14
C HIS A 11 -0.83 11.46 -25.63
N ALA A 12 -1.97 11.87 -25.09
CA ALA A 12 -2.07 12.17 -23.67
C ALA A 12 -1.79 10.94 -22.82
N ASN A 13 -2.30 9.79 -23.25
CA ASN A 13 -2.09 8.53 -22.54
C ASN A 13 -0.62 8.15 -22.43
N MET A 14 0.12 8.32 -23.53
CA MET A 14 1.55 8.02 -23.51
C MET A 14 2.29 8.98 -22.56
N GLN A 15 1.99 10.26 -22.67
CA GLN A 15 2.61 11.26 -21.80
C GLN A 15 2.34 10.95 -20.33
N LEU A 16 1.08 10.68 -19.99
CA LEU A 16 0.72 10.40 -18.61
C LEU A 16 1.53 9.25 -18.03
N GLN A 17 1.65 8.17 -18.78
CA GLN A 17 2.34 6.96 -18.29
C GLN A 17 3.86 7.07 -18.39
N GLN A 18 4.36 7.88 -19.33
CA GLN A 18 5.80 8.12 -19.38
C GLN A 18 6.28 8.83 -18.11
N GLN A 19 5.40 9.58 -17.47
CA GLN A 19 5.79 10.36 -16.30
C GLN A 19 6.11 9.44 -15.12
N ALA A 20 5.76 8.17 -15.25
CA ALA A 20 5.91 7.18 -14.17
C ALA A 20 7.20 6.39 -14.28
N VAL A 21 7.89 6.51 -15.41
CA VAL A 21 9.02 5.65 -15.73
C VAL A 21 10.19 5.67 -14.73
N LEU A 22 10.69 6.86 -14.39
CA LEU A 22 11.85 6.97 -13.53
C LEU A 22 11.58 6.39 -12.14
N GLY A 23 10.42 6.70 -11.58
CA GLY A 23 10.04 6.15 -10.28
C GLY A 23 9.83 4.65 -10.33
N LEU A 24 9.39 4.16 -11.49
CA LEU A 24 9.21 2.72 -11.68
C LEU A 24 10.59 2.02 -11.74
N ASN A 25 11.54 2.60 -12.47
CA ASN A 25 12.91 2.10 -12.46
C ASN A 25 13.46 2.03 -11.04
N TRP A 26 13.18 3.06 -10.25
CA TRP A 26 13.67 3.08 -8.88
C TRP A 26 13.08 1.93 -8.08
N MET A 27 11.76 1.79 -8.13
CA MET A 27 11.09 0.75 -7.36
CA MET A 27 11.04 0.75 -7.40
C MET A 27 11.49 -0.65 -7.82
N GLN A 28 11.63 -0.84 -9.13
CA GLN A 28 11.92 -2.17 -9.67
C GLN A 28 13.37 -2.64 -9.59
N ASP A 29 14.30 -1.71 -9.83
CA ASP A 29 15.70 -2.04 -10.08
CA ASP A 29 15.70 -2.07 -10.05
C ASP A 29 16.65 -1.70 -8.94
N SER A 30 16.34 -0.62 -8.20
CA SER A 30 17.31 -0.10 -7.23
C SER A 30 17.50 -0.98 -6.00
N GLY A 31 18.74 -1.05 -5.52
CA GLY A 31 19.00 -1.64 -4.22
C GLY A 31 18.45 -0.72 -3.15
N GLU A 32 18.41 0.58 -3.44
CA GLU A 32 17.90 1.56 -2.48
C GLU A 32 16.47 1.25 -2.05
N TYR A 33 15.63 0.90 -3.02
CA TYR A 33 14.27 0.51 -2.69
C TYR A 33 14.24 -0.71 -1.76
N LYS A 34 15.04 -1.73 -2.08
CA LYS A 34 15.11 -2.93 -1.24
C LYS A 34 15.54 -2.57 0.17
N ALA A 35 16.52 -1.66 0.29
CA ALA A 35 17.01 -1.23 1.61
C ALA A 35 15.91 -0.57 2.42
N LEU A 36 15.09 0.24 1.76
CA LEU A 36 13.97 0.88 2.43
C LEU A 36 12.94 -0.15 2.92
N ALA A 37 12.72 -1.20 2.14
CA ALA A 37 11.78 -2.25 2.51
C ALA A 37 12.30 -3.02 3.72
N TYR A 38 13.57 -3.38 3.70
CA TYR A 38 14.22 -4.04 4.84
C TYR A 38 14.20 -3.13 6.07
N GLN A 39 14.48 -1.85 5.87
CA GLN A 39 14.45 -0.91 6.98
C GLN A 39 13.08 -0.88 7.67
N ALA A 40 12.01 -0.87 6.86
CA ALA A 40 10.65 -0.81 7.40
C ALA A 40 10.36 -2.06 8.21
N TYR A 41 10.69 -3.21 7.65
CA TYR A 41 10.36 -4.48 8.31
C TYR A 41 11.27 -4.78 9.50
N ASN A 42 12.50 -4.27 9.46
CA ASN A 42 13.37 -4.38 10.64
C ASN A 42 12.76 -3.56 11.78
N ALA A 43 12.30 -2.36 11.44
CA ALA A 43 11.66 -1.51 12.45
C ALA A 43 10.36 -2.14 12.95
N ALA A 44 9.59 -2.74 12.04
CA ALA A 44 8.33 -3.38 12.41
C ALA A 44 8.55 -4.51 13.43
N LYS A 45 9.58 -5.31 13.23
CA LYS A 45 9.86 -6.40 14.18
C LYS A 45 10.15 -5.83 15.56
N VAL A 46 10.95 -4.77 15.61
CA VAL A 46 11.29 -4.14 16.88
C VAL A 46 10.02 -3.64 17.58
N ALA A 47 9.15 -2.98 16.83
CA ALA A 47 7.89 -2.51 17.42
C ALA A 47 7.01 -3.67 17.89
N PHE A 48 6.90 -4.72 17.08
CA PHE A 48 6.09 -5.87 17.48
C PHE A 48 6.61 -6.51 18.77
N ASP A 49 7.91 -6.72 18.84
CA ASP A 49 8.53 -7.32 20.02
C ASP A 49 8.34 -6.48 21.28
N HIS A 50 8.35 -5.15 21.13
CA HIS A 50 8.15 -4.24 22.27
C HIS A 50 6.70 -4.13 22.72
N ALA A 51 5.76 -4.44 21.83
CA ALA A 51 4.36 -4.18 22.10
C ALA A 51 3.79 -5.00 23.23
N LYS A 52 3.02 -4.34 24.08
CA LYS A 52 2.23 -5.01 25.11
C LYS A 52 0.77 -4.59 24.93
N VAL A 53 -0.15 -5.52 25.11
CA VAL A 53 -1.57 -5.23 24.93
C VAL A 53 -2.33 -5.35 26.26
N ALA A 54 -3.54 -4.78 26.30
CA ALA A 54 -4.40 -4.87 27.48
C ALA A 54 -4.68 -6.34 27.85
N LYS A 55 -4.96 -6.58 29.13
CA LYS A 55 -5.25 -7.95 29.58
C LYS A 55 -6.42 -8.52 28.79
N GLY A 56 -6.31 -9.79 28.41
CA GLY A 56 -7.36 -10.46 27.66
C GLY A 56 -7.35 -10.25 26.16
N LYS A 57 -6.51 -9.33 25.68
CA LYS A 57 -6.44 -9.03 24.25
C LYS A 57 -5.42 -9.90 23.56
N LYS A 58 -5.64 -10.19 22.28
CA LYS A 58 -4.64 -10.84 21.45
C LYS A 58 -3.93 -9.79 20.60
N LYS A 59 -2.64 -9.99 20.36
CA LYS A 59 -1.84 -9.02 19.60
C LYS A 59 -2.13 -9.16 18.12
N ALA A 60 -2.53 -8.06 17.48
CA ALA A 60 -2.72 -8.08 16.03
C ALA A 60 -1.80 -7.08 15.35
N VAL A 61 -1.37 -7.42 14.14
CA VAL A 61 -0.66 -6.49 13.26
C VAL A 61 -1.56 -6.33 12.05
N VAL A 62 -1.80 -5.09 11.63
CA VAL A 62 -2.58 -4.88 10.42
C VAL A 62 -1.61 -4.50 9.30
N ALA A 63 -1.78 -5.13 8.15
CA ALA A 63 -0.88 -4.87 7.04
C ALA A 63 -1.66 -4.70 5.75
N ASP A 64 -1.32 -3.69 4.97
CA ASP A 64 -1.84 -3.58 3.63
C ASP A 64 -1.11 -4.57 2.74
N LEU A 65 -1.67 -4.88 1.58
CA LEU A 65 -1.00 -5.80 0.64
C LEU A 65 -0.25 -5.07 -0.49
N ASN A 66 -1.00 -4.40 -1.37
CA ASN A 66 -0.39 -3.82 -2.56
C ASN A 66 0.68 -2.76 -2.30
N GLU A 67 1.92 -3.06 -2.68
CA GLU A 67 3.07 -2.18 -2.47
C GLU A 67 3.47 -2.04 -1.00
N THR A 68 2.93 -2.94 -0.18
CA THR A 68 3.32 -3.06 1.21
C THR A 68 3.90 -4.46 1.47
N MET A 69 3.11 -5.49 1.17
CA MET A 69 3.60 -6.86 1.25
C MET A 69 3.72 -7.53 -0.12
N LEU A 70 2.87 -7.11 -1.06
CA LEU A 70 2.92 -7.62 -2.44
C LEU A 70 3.45 -6.59 -3.41
N ASP A 71 4.29 -7.04 -4.34
CA ASP A 71 4.91 -6.18 -5.34
C ASP A 71 4.18 -6.39 -6.67
N ASN A 72 3.43 -5.37 -7.09
CA ASN A 72 2.69 -5.41 -8.35
C ASN A 72 3.37 -4.57 -9.44
N SER A 73 4.67 -4.36 -9.33
CA SER A 73 5.33 -3.47 -10.28
C SER A 73 5.19 -3.93 -11.75
N PRO A 74 5.12 -5.25 -12.01
CA PRO A 74 4.97 -5.63 -13.42
C PRO A 74 3.68 -5.08 -14.04
N TYR A 75 2.65 -4.86 -13.23
CA TYR A 75 1.44 -4.23 -13.76
C TYR A 75 1.74 -2.79 -14.19
N ALA A 76 2.44 -2.05 -13.34
CA ALA A 76 2.86 -0.70 -13.71
C ALA A 76 3.71 -0.72 -14.98
N GLY A 77 4.59 -1.70 -15.10
CA GLY A 77 5.40 -1.83 -16.30
C GLY A 77 4.54 -2.06 -17.54
N TRP A 78 3.42 -2.76 -17.38
CA TRP A 78 2.50 -3.01 -18.48
C TRP A 78 1.79 -1.71 -18.88
N GLN A 79 1.45 -0.89 -17.90
CA GLN A 79 0.86 0.42 -18.16
C GLN A 79 1.82 1.28 -18.96
N VAL A 80 3.07 1.35 -18.52
CA VAL A 80 4.08 2.09 -19.24
C VAL A 80 4.16 1.63 -20.71
N GLN A 81 4.26 0.32 -20.91
CA GLN A 81 4.49 -0.21 -22.25
C GLN A 81 3.28 -0.15 -23.18
N ASN A 82 2.09 -0.06 -22.59
CA ASN A 82 0.87 -0.03 -23.37
C ASN A 82 0.13 1.29 -23.28
N ASN A 83 0.80 2.30 -22.73
CA ASN A 83 0.23 3.63 -22.55
C ASN A 83 -1.17 3.56 -21.92
N LYS A 84 -1.29 2.75 -20.86
CA LYS A 84 -2.57 2.50 -20.20
C LYS A 84 -2.63 3.13 -18.81
N PRO A 85 -3.48 4.14 -18.64
CA PRO A 85 -3.79 4.67 -17.30
C PRO A 85 -4.50 3.60 -16.49
N PHE A 86 -4.48 3.72 -15.17
CA PHE A 86 -5.06 2.68 -14.32
C PHE A 86 -6.53 2.41 -14.61
N ASP A 87 -6.88 1.14 -14.71
CA ASP A 87 -8.25 0.72 -14.96
C ASP A 87 -8.50 -0.50 -14.12
N GLY A 88 -9.51 -0.42 -13.26
CA GLY A 88 -9.85 -1.54 -12.39
C GLY A 88 -10.12 -2.84 -13.11
N LYS A 89 -10.57 -2.74 -14.36
CA LYS A 89 -10.83 -3.96 -15.13
C LYS A 89 -9.54 -4.64 -15.51
N ASP A 90 -8.52 -3.85 -15.83
CA ASP A 90 -7.19 -4.38 -16.16
C ASP A 90 -6.54 -4.93 -14.90
N TRP A 91 -6.67 -4.17 -13.80
CA TRP A 91 -6.14 -4.58 -12.52
C TRP A 91 -6.62 -5.98 -12.13
N THR A 92 -7.93 -6.22 -12.25
CA THR A 92 -8.47 -7.55 -11.91
C THR A 92 -7.84 -8.67 -12.73
N ARG A 93 -7.62 -8.43 -14.02
CA ARG A 93 -6.89 -9.39 -14.83
C ARG A 93 -5.48 -9.63 -14.31
N TRP A 94 -4.77 -8.55 -13.96
CA TRP A 94 -3.44 -8.68 -13.37
C TRP A 94 -3.48 -9.59 -12.13
N VAL A 95 -4.43 -9.35 -11.24
CA VAL A 95 -4.54 -10.15 -10.03
C VAL A 95 -4.77 -11.62 -10.40
N ASP A 96 -5.71 -11.85 -11.31
CA ASP A 96 -6.04 -13.19 -11.76
C ASP A 96 -4.82 -13.87 -12.40
N ALA A 97 -3.92 -13.06 -12.94
CA ALA A 97 -2.73 -13.58 -13.60
C ALA A 97 -1.78 -14.31 -12.63
N ARG A 98 -1.88 -14.00 -11.35
CA ARG A 98 -1.09 -14.70 -10.32
C ARG A 98 0.41 -14.58 -10.53
N GLN A 99 0.89 -13.36 -10.71
CA GLN A 99 2.31 -13.10 -10.89
C GLN A 99 2.84 -12.12 -9.85
N SER A 100 2.04 -11.87 -8.81
CA SER A 100 2.46 -10.95 -7.75
C SER A 100 3.78 -11.45 -7.16
N ARG A 101 4.64 -10.51 -6.76
CA ARG A 101 5.86 -10.86 -6.06
C ARG A 101 5.74 -10.34 -4.62
N ALA A 102 6.72 -10.66 -3.77
CA ALA A 102 6.72 -10.20 -2.39
C ALA A 102 7.64 -8.99 -2.20
N VAL A 103 7.19 -8.03 -1.39
CA VAL A 103 8.05 -6.92 -1.01
C VAL A 103 9.14 -7.50 -0.13
N PRO A 104 10.41 -7.10 -0.35
CA PRO A 104 11.51 -7.65 0.46
C PRO A 104 11.26 -7.52 1.96
N GLY A 105 11.54 -8.58 2.71
CA GLY A 105 11.38 -8.59 4.16
C GLY A 105 9.96 -8.85 4.65
N ALA A 106 8.97 -8.79 3.75
CA ALA A 106 7.57 -8.89 4.17
C ALA A 106 7.20 -10.30 4.66
N VAL A 107 7.62 -11.31 3.90
CA VAL A 107 7.27 -12.70 4.26
C VAL A 107 7.85 -13.07 5.62
N GLU A 108 9.14 -12.76 5.80
CA GLU A 108 9.81 -13.07 7.06
C GLU A 108 9.15 -12.37 8.24
N PHE A 109 8.77 -11.11 8.07
CA PHE A 109 8.14 -10.38 9.15
C PHE A 109 6.74 -10.97 9.43
N ASN A 110 5.98 -11.19 8.36
CA ASN A 110 4.66 -11.82 8.49
C ASN A 110 4.75 -13.13 9.29
N ASN A 111 5.66 -14.01 8.87
CA ASN A 111 5.78 -15.33 9.49
C ASN A 111 6.30 -15.26 10.92
N TYR A 112 7.17 -14.30 11.19
CA TYR A 112 7.64 -14.06 12.54
C TYR A 112 6.50 -13.68 13.48
N VAL A 113 5.70 -12.70 13.07
CA VAL A 113 4.56 -12.27 13.88
C VAL A 113 3.64 -13.47 14.19
N ASN A 114 3.32 -14.22 13.15
CA ASN A 114 2.36 -15.32 13.28
C ASN A 114 2.89 -16.48 14.13
N SER A 115 4.21 -16.56 14.29
CA SER A 115 4.80 -17.62 15.11
C SER A 115 5.25 -17.10 16.48
N HIS A 116 4.95 -15.84 16.77
CA HIS A 116 5.36 -15.26 18.04
C HIS A 116 4.22 -14.55 18.74
N ASN A 117 3.13 -15.29 18.92
CA ASN A 117 1.99 -14.85 19.70
C ASN A 117 1.28 -13.66 19.08
N GLY A 118 1.40 -13.49 17.77
CA GLY A 118 0.66 -12.44 17.08
C GLY A 118 -0.13 -12.99 15.89
N LYS A 119 -0.93 -12.11 15.27
CA LYS A 119 -1.62 -12.46 14.04
C LYS A 119 -1.60 -11.25 13.12
N VAL A 120 -1.17 -11.43 11.87
CA VAL A 120 -1.25 -10.39 10.87
C VAL A 120 -2.60 -10.50 10.19
N PHE A 121 -3.31 -9.38 10.07
CA PHE A 121 -4.53 -9.33 9.28
C PHE A 121 -4.27 -8.49 8.05
N TYR A 122 -4.76 -8.96 6.90
CA TYR A 122 -4.51 -8.27 5.65
C TYR A 122 -5.69 -7.39 5.34
N VAL A 123 -5.53 -6.10 5.59
CA VAL A 123 -6.58 -5.13 5.31
C VAL A 123 -6.18 -4.45 4.01
N THR A 124 -6.87 -4.80 2.95
CA THR A 124 -6.41 -4.55 1.59
C THR A 124 -7.57 -4.12 0.71
N ASN A 125 -7.30 -3.28 -0.27
CA ASN A 125 -8.36 -2.90 -1.21
C ASN A 125 -8.41 -3.72 -2.49
N ARG A 126 -7.67 -4.82 -2.54
CA ARG A 126 -7.98 -5.87 -3.51
C ARG A 126 -9.41 -6.28 -3.21
N LYS A 127 -10.15 -6.71 -4.24
CA LYS A 127 -11.60 -6.93 -4.12
C LYS A 127 -11.92 -8.32 -3.58
N ASP A 128 -12.77 -8.38 -2.57
CA ASP A 128 -13.12 -9.64 -1.93
C ASP A 128 -13.83 -10.57 -2.92
N SER A 129 -14.71 -10.01 -3.75
CA SER A 129 -15.50 -10.84 -4.64
C SER A 129 -14.68 -11.44 -5.80
N THR A 130 -13.91 -10.61 -6.48
CA THR A 130 -13.23 -11.02 -7.70
C THR A 130 -11.72 -11.24 -7.60
N GLU A 131 -11.10 -10.72 -6.56
CA GLU A 131 -9.64 -10.74 -6.50
C GLU A 131 -9.08 -11.57 -5.34
N LYS A 132 -9.96 -12.22 -4.59
CA LYS A 132 -9.52 -12.96 -3.41
C LYS A 132 -8.77 -14.24 -3.78
N SER A 133 -9.29 -15.02 -4.72
CA SER A 133 -8.67 -16.30 -5.05
CA SER A 133 -8.66 -16.30 -5.08
C SER A 133 -7.23 -16.14 -5.54
N GLY A 134 -6.99 -15.16 -6.42
CA GLY A 134 -5.64 -14.95 -6.92
C GLY A 134 -4.70 -14.45 -5.82
N THR A 135 -5.23 -13.64 -4.93
CA THR A 135 -4.42 -13.09 -3.84
C THR A 135 -3.92 -14.22 -2.94
N ILE A 136 -4.84 -15.05 -2.51
CA ILE A 136 -4.49 -16.16 -1.61
C ILE A 136 -3.53 -17.13 -2.29
N ASP A 137 -3.78 -17.44 -3.55
CA ASP A 137 -2.88 -18.30 -4.30
C ASP A 137 -1.45 -17.75 -4.37
N ASP A 138 -1.31 -16.48 -4.72
CA ASP A 138 0.01 -15.86 -4.79
C ASP A 138 0.72 -15.87 -3.43
N MET A 139 0.01 -15.47 -2.39
CA MET A 139 0.55 -15.43 -1.03
CA MET A 139 0.62 -15.42 -1.07
C MET A 139 1.08 -16.78 -0.57
N LYS A 140 0.33 -17.85 -0.85
CA LYS A 140 0.80 -19.18 -0.51
C LYS A 140 2.09 -19.50 -1.26
N ARG A 141 2.10 -19.24 -2.58
CA ARG A 141 3.29 -19.52 -3.37
C ARG A 141 4.48 -18.72 -2.86
N LEU A 142 4.22 -17.47 -2.47
CA LEU A 142 5.29 -16.58 -2.03
C LEU A 142 5.87 -16.95 -0.66
N GLY A 143 5.21 -17.85 0.06
CA GLY A 143 5.74 -18.30 1.35
C GLY A 143 5.13 -17.69 2.59
N PHE A 144 4.11 -16.86 2.43
CA PHE A 144 3.38 -16.32 3.57
C PHE A 144 2.69 -17.44 4.36
N ASN A 145 2.89 -17.44 5.68
CA ASN A 145 2.13 -18.31 6.58
C ASN A 145 0.89 -17.55 7.03
N GLY A 146 -0.15 -18.29 7.41
CA GLY A 146 -1.35 -17.67 7.95
C GLY A 146 -2.29 -17.04 6.93
N VAL A 147 -2.35 -17.58 5.72
CA VAL A 147 -3.21 -16.98 4.71
C VAL A 147 -4.53 -17.74 4.51
N GLU A 148 -5.13 -18.17 5.61
CA GLU A 148 -6.48 -18.70 5.56
C GLU A 148 -7.43 -17.52 5.30
N GLU A 149 -8.63 -17.81 4.79
CA GLU A 149 -9.54 -16.74 4.38
C GLU A 149 -9.86 -15.74 5.49
N SER A 150 -9.92 -16.21 6.73
CA SER A 150 -10.31 -15.37 7.85
C SER A 150 -9.25 -14.33 8.24
N ALA A 151 -8.04 -14.44 7.69
CA ALA A 151 -7.01 -13.45 7.96
C ALA A 151 -7.19 -12.23 7.08
N PHE A 152 -8.07 -12.35 6.08
CA PHE A 152 -8.21 -11.28 5.08
C PHE A 152 -9.43 -10.43 5.29
N TYR A 153 -9.21 -9.11 5.22
CA TYR A 153 -10.30 -8.15 5.16
C TYR A 153 -10.23 -7.39 3.85
N LEU A 154 -10.60 -8.06 2.76
CA LEU A 154 -10.59 -7.45 1.44
C LEU A 154 -11.73 -6.45 1.25
N LYS A 155 -11.64 -5.64 0.21
CA LYS A 155 -12.62 -4.60 -0.03
C LYS A 155 -13.97 -5.15 -0.45
N LYS A 156 -15.00 -4.64 0.20
CA LYS A 156 -16.37 -4.99 -0.15
CA LYS A 156 -16.37 -5.00 -0.14
C LYS A 156 -17.12 -3.76 -0.63
N ASP A 157 -17.60 -2.96 0.31
CA ASP A 157 -18.39 -1.77 -0.01
C ASP A 157 -17.60 -0.47 0.07
N LYS A 158 -16.62 -0.40 0.96
CA LYS A 158 -15.89 0.84 1.21
C LYS A 158 -14.38 0.70 1.02
N SER A 159 -13.76 1.72 0.42
CA SER A 159 -12.30 1.74 0.27
C SER A 159 -11.62 2.23 1.55
N ALA A 160 -12.32 3.06 2.33
CA ALA A 160 -11.77 3.50 3.62
C ALA A 160 -11.66 2.30 4.56
N LYS A 161 -10.59 2.26 5.36
CA LYS A 161 -10.25 1.02 6.05
C LYS A 161 -10.59 0.97 7.53
N ALA A 162 -10.98 2.12 8.10
CA ALA A 162 -11.16 2.19 9.55
C ALA A 162 -12.20 1.20 10.07
N ALA A 163 -13.29 1.02 9.32
CA ALA A 163 -14.33 0.08 9.72
C ALA A 163 -13.78 -1.34 9.84
N ARG A 164 -12.91 -1.73 8.92
CA ARG A 164 -12.30 -3.05 8.99
C ARG A 164 -11.37 -3.19 10.20
N PHE A 165 -10.61 -2.13 10.49
CA PHE A 165 -9.77 -2.14 11.69
C PHE A 165 -10.65 -2.40 12.92
N ALA A 166 -11.80 -1.76 12.95
CA ALA A 166 -12.73 -1.92 14.07
C ALA A 166 -13.29 -3.34 14.15
N GLU A 167 -13.59 -3.95 13.00
CA GLU A 167 -14.06 -5.34 12.97
C GLU A 167 -13.04 -6.24 13.65
N ILE A 168 -11.77 -5.99 13.34
CA ILE A 168 -10.67 -6.75 13.93
C ILE A 168 -10.59 -6.59 15.46
N GLU A 169 -10.75 -5.36 15.93
CA GLU A 169 -10.76 -5.12 17.38
C GLU A 169 -11.97 -5.76 18.07
N LYS A 170 -13.09 -5.87 17.37
CA LYS A 170 -14.29 -6.47 17.93
C LYS A 170 -14.12 -7.97 18.10
N GLN A 171 -13.13 -8.54 17.43
CA GLN A 171 -12.86 -9.97 17.53
C GLN A 171 -11.90 -10.28 18.68
N GLY A 172 -11.59 -9.28 19.50
CA GLY A 172 -10.78 -9.51 20.69
C GLY A 172 -9.30 -9.21 20.52
N TYR A 173 -8.96 -8.55 19.42
CA TYR A 173 -7.57 -8.20 19.14
C TYR A 173 -7.28 -6.76 19.51
N GLU A 174 -6.05 -6.50 19.94
CA GLU A 174 -5.54 -5.14 20.02
C GLU A 174 -4.50 -4.99 18.93
N ILE A 175 -4.70 -4.00 18.05
CA ILE A 175 -3.79 -3.75 16.94
C ILE A 175 -2.55 -3.01 17.42
N VAL A 176 -1.41 -3.68 17.39
CA VAL A 176 -0.19 -3.10 17.97
C VAL A 176 0.63 -2.26 16.97
N LEU A 177 0.40 -2.47 15.68
CA LEU A 177 1.05 -1.63 14.68
C LEU A 177 0.39 -1.86 13.33
N TYR A 178 0.59 -0.89 12.45
CA TYR A 178 0.00 -0.88 11.11
C TYR A 178 1.15 -0.74 10.13
N VAL A 179 1.05 -1.47 9.02
CA VAL A 179 2.06 -1.43 7.97
C VAL A 179 1.35 -1.01 6.68
N GLY A 180 1.90 -0.05 5.95
CA GLY A 180 1.26 0.36 4.71
C GLY A 180 2.17 1.21 3.85
N ASP A 181 1.73 1.52 2.63
CA ASP A 181 2.46 2.43 1.76
C ASP A 181 1.64 3.67 1.49
N ASN A 182 0.43 3.70 2.06
CA ASN A 182 -0.54 4.78 1.84
C ASN A 182 -1.02 5.29 3.20
N LEU A 183 -1.06 6.60 3.41
CA LEU A 183 -1.47 7.12 4.72
C LEU A 183 -2.86 6.62 5.13
N ASP A 184 -3.69 6.31 4.15
CA ASP A 184 -5.05 5.78 4.40
C ASP A 184 -5.01 4.36 4.99
N ASP A 185 -3.81 3.79 5.03
CA ASP A 185 -3.59 2.49 5.65
C ASP A 185 -3.46 2.62 7.17
N PHE A 186 -3.54 3.85 7.68
CA PHE A 186 -3.39 4.07 9.13
C PHE A 186 -4.68 4.60 9.77
N GLY A 187 -5.73 4.75 8.96
CA GLY A 187 -6.97 5.33 9.43
C GLY A 187 -7.71 6.10 8.34
N ASN A 188 -8.79 6.76 8.72
CA ASN A 188 -9.63 7.46 7.76
C ASN A 188 -9.45 8.97 7.79
N THR A 189 -8.64 9.49 8.70
CA THR A 189 -8.67 10.94 8.93
C THR A 189 -8.32 11.80 7.70
N VAL A 190 -7.59 11.25 6.74
CA VAL A 190 -7.29 12.02 5.52
C VAL A 190 -7.69 11.31 4.24
N TYR A 191 -8.62 10.36 4.36
CA TYR A 191 -9.14 9.67 3.19
C TYR A 191 -9.87 10.65 2.29
N GLY A 192 -9.46 10.71 1.03
CA GLY A 192 -10.12 11.54 0.04
C GLY A 192 -9.70 13.00 0.16
N LYS A 193 -8.70 13.27 1.00
CA LYS A 193 -8.24 14.63 1.22
C LYS A 193 -7.05 14.98 0.34
N LEU A 194 -6.81 16.27 0.17
CA LEU A 194 -5.69 16.74 -0.64
C LEU A 194 -4.39 16.69 0.16
N ASN A 195 -3.28 16.82 -0.54
CA ASN A 195 -1.98 16.54 0.08
C ASN A 195 -1.61 17.47 1.24
N ALA A 196 -2.14 18.70 1.23
CA ALA A 196 -1.83 19.62 2.32
C ALA A 196 -2.31 19.01 3.64
N ASP A 197 -3.54 18.51 3.65
CA ASP A 197 -4.11 17.87 4.85
C ASP A 197 -3.40 16.58 5.22
N ARG A 198 -2.97 15.83 4.21
CA ARG A 198 -2.28 14.55 4.42
C ARG A 198 -0.89 14.77 5.03
N ARG A 199 -0.16 15.79 4.56
CA ARG A 199 1.10 16.16 5.18
C ARG A 199 0.91 16.61 6.63
N ALA A 200 -0.17 17.34 6.87
CA ALA A 200 -0.50 17.80 8.23
C ALA A 200 -0.77 16.62 9.16
N PHE A 201 -1.46 15.60 8.66
CA PHE A 201 -1.67 14.38 9.44
C PHE A 201 -0.33 13.75 9.81
N VAL A 202 0.59 13.68 8.84
CA VAL A 202 1.89 13.11 9.12
C VAL A 202 2.63 13.92 10.19
N ASP A 203 2.63 15.24 10.04
CA ASP A 203 3.26 16.11 11.04
C ASP A 203 2.69 15.88 12.44
N GLN A 204 1.37 15.75 12.52
CA GLN A 204 0.69 15.55 13.80
C GLN A 204 0.96 14.18 14.40
N ASN A 205 1.56 13.29 13.62
CA ASN A 205 1.87 11.93 14.07
C ASN A 205 3.36 11.58 13.88
N GLN A 206 4.20 12.61 13.84
CA GLN A 206 5.61 12.44 13.54
C GLN A 206 6.28 11.28 14.28
N GLY A 207 5.99 11.17 15.57
CA GLY A 207 6.65 10.20 16.43
C GLY A 207 6.22 8.75 16.23
N LYS A 208 5.07 8.53 15.58
CA LYS A 208 4.58 7.17 15.36
C LYS A 208 5.28 6.45 14.20
N PHE A 209 5.83 7.19 13.26
CA PHE A 209 6.42 6.56 12.08
C PHE A 209 7.70 5.80 12.40
N GLY A 210 7.74 4.54 12.00
CA GLY A 210 8.83 3.65 12.34
C GLY A 210 8.61 2.99 13.68
N LYS A 211 7.47 3.26 14.30
CA LYS A 211 7.10 2.67 15.59
C LYS A 211 5.78 1.93 15.42
N THR A 212 4.66 2.65 15.54
CA THR A 212 3.35 2.03 15.37
C THR A 212 2.76 2.21 13.95
N PHE A 213 3.23 3.19 13.20
CA PHE A 213 2.90 3.30 11.77
C PHE A 213 4.16 2.99 10.97
N ILE A 214 4.14 1.89 10.22
CA ILE A 214 5.32 1.47 9.48
C ILE A 214 5.08 1.76 7.99
N MET A 215 5.99 2.51 7.38
CA MET A 215 5.81 2.95 5.98
C MET A 215 6.69 2.19 4.98
N LEU A 216 6.10 1.83 3.84
CA LEU A 216 6.85 1.34 2.68
C LEU A 216 6.76 2.41 1.57
N PRO A 217 7.80 2.52 0.74
CA PRO A 217 7.81 3.56 -0.30
C PRO A 217 7.05 3.13 -1.56
N ASN A 218 6.28 4.05 -2.13
CA ASN A 218 5.55 3.80 -3.36
C ASN A 218 5.44 5.10 -4.17
N ALA A 219 6.36 5.28 -5.11
CA ALA A 219 6.40 6.51 -5.91
C ALA A 219 5.58 6.37 -7.19
N ASN A 220 4.89 5.25 -7.31
CA ASN A 220 4.16 4.89 -8.52
C ASN A 220 2.66 5.26 -8.53
N TYR A 221 1.99 5.17 -7.38
CA TYR A 221 0.56 5.53 -7.29
C TYR A 221 0.15 5.68 -5.82
N GLY A 222 -1.07 6.18 -5.59
CA GLY A 222 -1.59 6.22 -4.23
C GLY A 222 -2.52 7.37 -3.94
N GLY A 223 -2.93 7.51 -2.68
CA GLY A 223 -3.79 8.59 -2.26
C GLY A 223 -3.13 9.95 -2.47
N TRP A 224 -1.79 9.96 -2.53
CA TRP A 224 -1.07 11.21 -2.80
C TRP A 224 -1.26 11.67 -4.24
N GLU A 225 -1.63 10.75 -5.14
CA GLU A 225 -1.87 11.15 -6.53
C GLU A 225 -3.18 11.92 -6.63
N GLY A 226 -4.26 11.33 -6.11
CA GLY A 226 -5.52 12.04 -6.03
C GLY A 226 -5.39 13.30 -5.20
N GLY A 227 -4.44 13.29 -4.28
CA GLY A 227 -4.21 14.44 -3.41
C GLY A 227 -3.60 15.64 -4.12
N LEU A 228 -3.15 15.44 -5.37
CA LEU A 228 -2.54 16.51 -6.14
C LEU A 228 -3.51 17.61 -6.56
N ALA A 229 -4.80 17.32 -6.59
CA ALA A 229 -5.78 18.34 -7.01
C ALA A 229 -7.22 17.92 -6.74
N GLU A 230 -8.08 18.88 -6.45
CA GLU A 230 -9.49 18.59 -6.24
C GLU A 230 -10.03 17.81 -7.44
N GLY A 231 -10.77 16.74 -7.16
CA GLY A 231 -11.41 15.94 -8.20
C GLY A 231 -10.46 15.41 -9.25
N TYR A 232 -9.23 15.12 -8.84
CA TYR A 232 -8.19 14.62 -9.74
C TYR A 232 -8.62 13.39 -10.56
N PHE A 233 -9.20 12.39 -9.90
CA PHE A 233 -9.53 11.15 -10.58
C PHE A 233 -10.74 11.31 -11.49
N LYS A 234 -11.53 12.35 -11.23
CA LYS A 234 -12.65 12.68 -12.10
C LYS A 234 -12.18 13.44 -13.34
N LYS A 235 -10.94 13.92 -13.32
CA LYS A 235 -10.38 14.61 -14.49
C LYS A 235 -10.11 13.62 -15.62
N ASP A 236 -10.06 14.13 -16.84
CA ASP A 236 -9.64 13.32 -17.99
C ASP A 236 -8.11 13.28 -18.03
N THR A 237 -7.56 12.46 -18.93
CA THR A 237 -6.11 12.25 -18.97
C THR A 237 -5.35 13.56 -19.08
N GLN A 238 -5.84 14.46 -19.94
CA GLN A 238 -5.20 15.75 -20.15
C GLN A 238 -5.21 16.57 -18.86
N GLY A 239 -6.32 16.55 -18.13
CA GLY A 239 -6.41 17.28 -16.88
C GLY A 239 -5.47 16.76 -15.81
N GLN A 240 -5.23 15.45 -15.83
CA GLN A 240 -4.36 14.82 -14.84
C GLN A 240 -2.91 15.19 -15.10
N ILE A 241 -2.52 15.21 -16.37
CA ILE A 241 -1.17 15.66 -16.75
C ILE A 241 -0.92 17.09 -16.27
N LYS A 242 -1.90 17.96 -16.49
CA LYS A 242 -1.78 19.35 -16.05
C LYS A 242 -1.78 19.45 -14.53
N ALA A 243 -2.52 18.59 -13.86
CA ALA A 243 -2.53 18.57 -12.40
C ALA A 243 -1.14 18.22 -11.85
N ARG A 244 -0.52 17.21 -12.45
CA ARG A 244 0.82 16.80 -12.04
C ARG A 244 1.84 17.91 -12.29
N LEU A 245 1.81 18.48 -13.49
CA LEU A 245 2.76 19.52 -13.85
C LEU A 245 2.54 20.81 -13.04
N ASP A 246 1.29 21.14 -12.74
CA ASP A 246 0.99 22.30 -11.91
C ASP A 246 1.44 22.12 -10.44
N ALA A 247 1.52 20.87 -9.99
CA ALA A 247 1.91 20.60 -8.61
C ALA A 247 3.42 20.77 -8.41
N VAL A 248 4.16 20.68 -9.51
CA VAL A 248 5.61 20.80 -9.47
C VAL A 248 6.09 22.12 -8.88
N GLN A 249 7.04 22.05 -7.95
CA GLN A 249 7.69 23.24 -7.40
C GLN A 249 9.08 23.37 -8.02
N ALA A 250 9.32 24.49 -8.70
CA ALA A 250 10.57 24.65 -9.45
C ALA A 250 11.37 25.87 -9.06
N TRP A 251 12.69 25.71 -9.00
CA TRP A 251 13.62 26.82 -8.89
C TRP A 251 13.42 27.70 -10.12
N ASP A 252 13.47 29.02 -9.93
CA ASP A 252 13.26 29.95 -11.05
C ASP A 252 14.50 30.06 -11.96
N GLY A 253 15.63 29.51 -11.50
CA GLY A 253 16.85 29.49 -12.28
C GLY A 253 17.76 30.67 -12.00
N LYS A 254 17.32 31.57 -11.11
CA LYS A 254 18.11 32.76 -10.77
C LYS A 254 18.67 32.69 -9.35
N LEU A 255 19.52 33.65 -9.01
CA LEU A 255 20.11 33.72 -7.68
C LEU A 255 19.49 34.88 -6.88
P 2AM B . -4.19 -0.77 -2.56
O1P 2AM B . -5.12 -1.84 -2.03
O2P 2AM B . -4.73 0.61 -2.29
O3P 2AM B . -2.85 -1.01 -1.91
C5' 2AM B . -7.71 0.07 -6.62
O5' 2AM B . -7.10 1.28 -6.22
C4' 2AM B . -6.84 -1.12 -6.22
O4' 2AM B . -5.75 -1.27 -7.09
C3' 2AM B . -6.24 -0.95 -4.83
O3' 2AM B . -6.27 -2.26 -4.29
C2' 2AM B . -4.82 -0.52 -5.08
O2' 2AM B . -3.96 -1.05 -4.12
C1' 2AM B . -4.51 -1.18 -6.40
N9 2AM B . -3.57 -0.48 -7.30
C8 2AM B . -2.40 -0.99 -7.82
N7 2AM B . -1.88 -0.07 -8.67
C5 2AM B . -2.70 0.99 -8.69
C6 2AM B . -2.65 2.21 -9.37
N6 2AM B . -1.63 2.46 -10.18
N1 2AM B . -3.65 3.13 -9.20
C2 2AM B . -4.71 2.86 -8.36
N3 2AM B . -4.76 1.65 -7.68
C4 2AM B . -3.77 0.74 -7.85
MG MG C . -1.13 -0.34 -0.80
#